data_6YX4
#
_entry.id   6YX4
#
_cell.length_a   57.663
_cell.length_b   110.557
_cell.length_c   39.015
_cell.angle_alpha   90.000
_cell.angle_beta   90.000
_cell.angle_gamma   90.000
#
_symmetry.space_group_name_H-M   'P 21 21 2'
#
loop_
_entity.id
_entity.type
_entity.pdbx_description
1 polymer 'Multi-sensor hybrid histidine kinase'
2 non-polymer 'FLAVIN MONONUCLEOTIDE'
3 non-polymer morpholine
4 non-polymer GLYCEROL
5 water water
#
_entity_poly.entity_id   1
_entity_poly.type   'polypeptide(L)'
_entity_poly.pdbx_seq_one_letter_code
;MASGMIVTDAGADQPIVFVNRAFSTITGYAPNEVLGRNARFLQGPQTDAATVARLREAIAAARPIQERILNYRKDGQPFW
NQLSISPVRDETGNVVAFVGVKTDVTAHHHHHH
;
_entity_poly.pdbx_strand_id   A,B
#
loop_
_chem_comp.id
_chem_comp.type
_chem_comp.name
_chem_comp.formula
6LR non-polymer morpholine 'C4 H9 N O'
FMN non-polymer 'FLAVIN MONONUCLEOTIDE' 'C17 H21 N4 O9 P'
GOL non-polymer GLYCEROL 'C3 H8 O3'
#
# COMPACT_ATOMS: atom_id res chain seq x y z
N ALA A 2 15.01 2.34 5.43
CA ALA A 2 13.70 1.92 4.86
C ALA A 2 13.15 0.72 5.63
N SER A 3 11.83 0.68 5.85
CA SER A 3 11.09 -0.41 6.53
C SER A 3 10.50 -1.35 5.48
N GLY A 4 10.39 -2.64 5.78
CA GLY A 4 9.70 -3.60 4.90
C GLY A 4 8.22 -3.27 4.81
N MET A 5 7.64 -3.43 3.63
CA MET A 5 6.18 -3.25 3.44
C MET A 5 5.66 -4.33 2.48
N ILE A 6 4.51 -4.89 2.86
CA ILE A 6 3.72 -5.86 2.07
C ILE A 6 2.33 -5.26 1.86
N VAL A 7 1.85 -5.30 0.63
CA VAL A 7 0.48 -4.89 0.30
C VAL A 7 -0.25 -6.14 -0.23
N THR A 8 -1.44 -6.40 0.28
CA THR A 8 -2.28 -7.53 -0.17
C THR A 8 -3.62 -7.04 -0.70
N ASP A 9 -4.26 -7.90 -1.47
CA ASP A 9 -5.70 -7.75 -1.74
C ASP A 9 -6.46 -7.76 -0.42
N ALA A 10 -7.68 -7.24 -0.43
CA ALA A 10 -8.55 -7.21 0.76
C ALA A 10 -9.17 -8.58 1.01
N GLY A 11 -9.57 -9.26 -0.06
CA GLY A 11 -10.48 -10.40 0.06
C GLY A 11 -9.79 -11.72 -0.16
N ALA A 12 -10.51 -12.82 0.08
N ALA A 12 -10.60 -12.78 -0.18
CA ALA A 12 -10.14 -14.18 -0.37
CA ALA A 12 -10.19 -14.18 -0.39
C ALA A 12 -8.69 -14.48 0.04
C ALA A 12 -9.10 -14.47 0.64
N ASP A 13 -8.38 -14.34 1.33
N ASP A 13 -7.89 -14.84 0.23
CA ASP A 13 -7.12 -14.82 1.95
CA ASP A 13 -6.88 -15.11 1.28
C ASP A 13 -5.92 -13.96 1.52
C ASP A 13 -5.79 -14.01 1.27
N GLN A 14 -6.18 -12.73 1.13
CA GLN A 14 -5.18 -11.64 1.13
C GLN A 14 -3.89 -12.05 0.42
N PRO A 15 -3.94 -12.43 -0.87
CA PRO A 15 -2.72 -12.63 -1.63
C PRO A 15 -1.92 -11.33 -1.76
N ILE A 16 -0.60 -11.46 -1.68
CA ILE A 16 0.32 -10.31 -1.83
C ILE A 16 0.20 -9.75 -3.25
N VAL A 17 0.14 -8.42 -3.37
CA VAL A 17 0.11 -7.73 -4.68
C VAL A 17 1.33 -6.82 -4.84
N PHE A 18 2.05 -6.50 -3.77
CA PHE A 18 3.26 -5.65 -3.85
C PHE A 18 4.12 -5.87 -2.62
N VAL A 19 5.43 -5.95 -2.82
CA VAL A 19 6.41 -5.86 -1.71
C VAL A 19 7.44 -4.81 -2.12
N ASN A 20 7.90 -4.04 -1.13
CA ASN A 20 8.90 -2.98 -1.42
C ASN A 20 10.29 -3.60 -1.45
N ARG A 21 11.28 -2.80 -1.79
CA ARG A 21 12.67 -3.31 -1.90
C ARG A 21 13.15 -3.80 -0.53
N ALA A 22 12.83 -3.10 0.55
CA ALA A 22 13.28 -3.49 1.91
C ALA A 22 12.75 -4.89 2.24
N PHE A 23 11.53 -5.24 1.83
CA PHE A 23 10.99 -6.59 2.07
C PHE A 23 11.97 -7.65 1.56
N SER A 24 12.52 -7.46 0.36
CA SER A 24 13.40 -8.46 -0.28
C SER A 24 14.73 -8.52 0.48
N THR A 25 15.24 -7.37 0.92
CA THR A 25 16.50 -7.32 1.72
C THR A 25 16.29 -8.10 3.02
N ILE A 26 15.18 -7.82 3.71
CA ILE A 26 14.86 -8.42 5.04
C ILE A 26 14.66 -9.93 4.91
N THR A 27 13.86 -10.39 3.94
CA THR A 27 13.33 -11.77 3.92
C THR A 27 14.13 -12.69 2.99
N GLY A 28 14.88 -12.13 2.04
CA GLY A 28 15.62 -12.91 1.03
C GLY A 28 14.74 -13.33 -0.13
N TYR A 29 13.45 -12.98 -0.15
CA TYR A 29 12.53 -13.35 -1.26
C TYR A 29 12.42 -12.22 -2.26
N ALA A 30 12.46 -12.55 -3.55
CA ALA A 30 12.17 -11.62 -4.66
C ALA A 30 10.66 -11.53 -4.83
N PRO A 31 10.14 -10.41 -5.39
CA PRO A 31 8.71 -10.26 -5.61
C PRO A 31 8.08 -11.48 -6.32
N ASN A 32 8.74 -11.99 -7.36
CA ASN A 32 8.14 -13.07 -8.17
C ASN A 32 7.99 -14.35 -7.35
N GLU A 33 8.69 -14.47 -6.21
CA GLU A 33 8.61 -15.64 -5.32
C GLU A 33 7.41 -15.55 -4.38
N VAL A 34 6.81 -14.36 -4.23
CA VAL A 34 5.82 -14.13 -3.15
C VAL A 34 4.50 -13.58 -3.69
N LEU A 35 4.50 -12.86 -4.81
CA LEU A 35 3.23 -12.28 -5.32
C LEU A 35 2.20 -13.39 -5.54
N GLY A 36 0.97 -13.15 -5.14
CA GLY A 36 -0.12 -14.12 -5.33
C GLY A 36 -0.23 -15.12 -4.19
N ARG A 37 0.64 -15.01 -3.18
CA ARG A 37 0.64 -15.91 -2.00
C ARG A 37 0.25 -15.12 -0.77
N ASN A 38 -0.42 -15.78 0.17
CA ASN A 38 -0.63 -15.23 1.53
C ASN A 38 0.73 -15.16 2.23
N ALA A 39 0.95 -14.11 3.03
CA ALA A 39 2.23 -13.84 3.70
C ALA A 39 2.56 -14.89 4.77
N ARG A 40 1.66 -15.81 5.10
CA ARG A 40 1.91 -16.80 6.18
C ARG A 40 3.11 -17.69 5.84
N PHE A 41 3.61 -17.69 4.61
CA PHE A 41 4.81 -18.50 4.27
C PHE A 41 6.04 -17.96 5.03
N LEU A 42 5.96 -16.75 5.59
CA LEU A 42 7.07 -16.18 6.40
C LEU A 42 7.15 -16.86 7.78
N GLN A 43 6.11 -17.58 8.18
CA GLN A 43 6.09 -18.26 9.50
C GLN A 43 6.79 -19.60 9.41
N GLY A 44 7.03 -20.20 10.56
CA GLY A 44 7.71 -21.50 10.59
C GLY A 44 7.49 -22.16 11.94
N PRO A 45 8.32 -23.18 12.23
CA PRO A 45 8.00 -24.11 13.32
C PRO A 45 7.86 -23.50 14.72
N GLN A 46 8.60 -22.44 15.05
CA GLN A 46 8.54 -21.85 16.42
CA GLN A 46 8.58 -21.82 16.40
C GLN A 46 7.71 -20.57 16.43
N THR A 47 7.05 -20.22 15.33
CA THR A 47 6.09 -19.10 15.33
C THR A 47 4.98 -19.39 16.35
N ASP A 48 4.61 -18.40 17.15
CA ASP A 48 3.62 -18.54 18.25
C ASP A 48 2.19 -18.61 17.69
N ALA A 49 1.49 -19.72 17.91
CA ALA A 49 0.14 -19.95 17.33
C ALA A 49 -0.85 -18.90 17.85
N ALA A 50 -0.79 -18.51 19.13
CA ALA A 50 -1.78 -17.56 19.68
C ALA A 50 -1.61 -16.22 18.97
N THR A 51 -0.36 -15.83 18.67
CA THR A 51 -0.09 -14.58 17.94
C THR A 51 -0.71 -14.66 16.54
N VAL A 52 -0.49 -15.76 15.85
CA VAL A 52 -1.06 -15.99 14.49
C VAL A 52 -2.59 -15.91 14.58
N ALA A 53 -3.21 -16.45 15.62
CA ALA A 53 -4.68 -16.40 15.80
C ALA A 53 -5.14 -14.95 15.97
N ARG A 54 -4.40 -14.13 16.73
CA ARG A 54 -4.80 -12.70 16.88
C ARG A 54 -4.71 -11.99 15.53
N LEU A 55 -3.67 -12.26 14.74
CA LEU A 55 -3.55 -11.67 13.38
C LEU A 55 -4.77 -12.11 12.55
N ARG A 56 -5.09 -13.39 12.58
CA ARG A 56 -6.19 -13.94 11.76
C ARG A 56 -7.49 -13.22 12.12
N GLU A 57 -7.78 -13.05 13.41
CA GLU A 57 -9.05 -12.45 13.85
C GLU A 57 -9.08 -10.97 13.47
N ALA A 58 -7.97 -10.25 13.64
CA ALA A 58 -7.91 -8.80 13.35
C ALA A 58 -8.10 -8.57 11.84
N ILE A 59 -7.42 -9.35 11.01
CA ILE A 59 -7.51 -9.17 9.55
C ILE A 59 -8.93 -9.51 9.10
N ALA A 60 -9.54 -10.56 9.66
CA ALA A 60 -10.90 -10.96 9.28
C ALA A 60 -11.86 -9.80 9.55
N ALA A 61 -11.62 -9.03 10.62
CA ALA A 61 -12.47 -7.90 11.06
C ALA A 61 -12.02 -6.58 10.44
N ALA A 62 -10.94 -6.59 9.65
CA ALA A 62 -10.33 -5.38 9.09
C ALA A 62 -10.04 -4.38 10.23
N ARG A 63 -9.42 -4.88 11.31
CA ARG A 63 -8.99 -4.10 12.49
C ARG A 63 -7.46 -4.01 12.46
N PRO A 64 -6.86 -2.81 12.67
CA PRO A 64 -5.41 -2.70 12.75
C PRO A 64 -4.88 -3.57 13.90
N ILE A 65 -3.68 -4.10 13.71
CA ILE A 65 -3.03 -4.95 14.74
C ILE A 65 -1.52 -4.82 14.65
N GLN A 66 -0.86 -4.90 15.79
CA GLN A 66 0.61 -4.94 15.87
C GLN A 66 1.01 -6.14 16.74
N GLU A 67 1.97 -6.92 16.26
CA GLU A 67 2.49 -8.08 17.01
C GLU A 67 3.98 -8.21 16.75
N ARG A 68 4.71 -8.77 17.71
CA ARG A 68 6.10 -9.18 17.48
C ARG A 68 6.06 -10.69 17.20
N ILE A 69 6.38 -11.09 15.97
CA ILE A 69 6.15 -12.47 15.50
C ILE A 69 7.47 -13.02 14.94
N LEU A 70 7.71 -14.30 15.18
CA LEU A 70 8.90 -14.97 14.62
C LEU A 70 8.61 -15.35 13.17
N ASN A 71 9.47 -14.87 12.28
CA ASN A 71 9.39 -15.18 10.84
C ASN A 71 10.74 -15.80 10.41
N TYR A 72 10.78 -16.25 9.17
CA TYR A 72 11.90 -17.02 8.59
C TYR A 72 12.22 -16.46 7.22
N ARG A 73 13.50 -16.19 6.99
CA ARG A 73 14.00 -15.79 5.65
C ARG A 73 13.86 -16.97 4.68
N LYS A 74 14.03 -16.68 3.40
CA LYS A 74 14.04 -17.73 2.35
C LYS A 74 15.06 -18.82 2.73
N ASP A 75 16.19 -18.44 3.31
CA ASP A 75 17.29 -19.40 3.65
C ASP A 75 17.03 -20.12 4.97
N GLY A 76 15.90 -19.86 5.64
CA GLY A 76 15.48 -20.59 6.85
C GLY A 76 15.90 -19.90 8.13
N GLN A 77 16.66 -18.81 8.05
CA GLN A 77 17.15 -18.07 9.25
CA GLN A 77 17.14 -18.10 9.27
C GLN A 77 15.97 -17.35 9.90
N PRO A 78 15.74 -17.54 11.22
CA PRO A 78 14.68 -16.83 11.92
C PRO A 78 15.00 -15.34 12.08
N PHE A 79 13.96 -14.51 12.11
CA PHE A 79 14.09 -13.08 12.47
C PHE A 79 12.81 -12.68 13.19
N TRP A 80 12.94 -11.77 14.15
CA TRP A 80 11.79 -11.16 14.87
C TRP A 80 11.24 -10.03 14.01
N ASN A 81 9.94 -10.10 13.78
CA ASN A 81 9.20 -9.15 12.92
C ASN A 81 8.25 -8.35 13.80
N GLN A 82 8.58 -7.08 14.05
CA GLN A 82 7.66 -6.13 14.71
C GLN A 82 6.70 -5.67 13.61
N LEU A 83 5.59 -6.38 13.53
CA LEU A 83 4.65 -6.33 12.39
C LEU A 83 3.42 -5.50 12.74
N SER A 84 3.07 -4.59 11.83
CA SER A 84 1.85 -3.78 11.97
C SER A 84 1.05 -3.90 10.68
N ILE A 85 -0.20 -4.30 10.79
CA ILE A 85 -1.09 -4.51 9.63
C ILE A 85 -2.29 -3.58 9.79
N SER A 86 -2.67 -2.93 8.71
CA SER A 86 -3.79 -1.95 8.68
CA SER A 86 -3.83 -2.02 8.71
C SER A 86 -4.57 -2.15 7.40
N PRO A 87 -5.91 -2.01 7.43
CA PRO A 87 -6.68 -1.94 6.19
C PRO A 87 -6.54 -0.58 5.52
N VAL A 88 -6.63 -0.60 4.21
CA VAL A 88 -6.81 0.60 3.35
C VAL A 88 -8.28 0.63 2.93
N ARG A 89 -8.95 1.74 3.25
CA ARG A 89 -10.40 1.87 2.95
C ARG A 89 -10.62 2.97 1.92
N ASP A 90 -11.66 2.81 1.12
CA ASP A 90 -12.17 3.94 0.31
C ASP A 90 -13.13 4.77 1.18
N GLU A 91 -13.69 5.84 0.62
CA GLU A 91 -14.43 6.82 1.45
C GLU A 91 -15.81 6.26 1.80
N THR A 92 -16.25 5.19 1.13
CA THR A 92 -17.50 4.47 1.45
C THR A 92 -17.24 3.49 2.60
N GLY A 93 -15.97 3.27 2.96
CA GLY A 93 -15.56 2.35 4.04
C GLY A 93 -15.23 0.96 3.54
N ASN A 94 -15.31 0.72 2.23
CA ASN A 94 -14.94 -0.58 1.62
C ASN A 94 -13.44 -0.80 1.82
N VAL A 95 -13.04 -2.00 2.20
CA VAL A 95 -11.60 -2.34 2.34
C VAL A 95 -11.07 -2.66 0.94
N VAL A 96 -10.05 -1.91 0.53
CA VAL A 96 -9.44 -1.96 -0.82
C VAL A 96 -8.18 -2.84 -0.78
N ALA A 97 -7.51 -2.92 0.36
CA ALA A 97 -6.21 -3.61 0.50
C ALA A 97 -5.88 -3.70 1.97
N PHE A 98 -4.86 -4.50 2.28
CA PHE A 98 -4.18 -4.44 3.58
C PHE A 98 -2.72 -4.05 3.33
N VAL A 99 -2.14 -3.38 4.31
CA VAL A 99 -0.70 -3.00 4.30
CA VAL A 99 -0.69 -3.04 4.28
C VAL A 99 -0.06 -3.53 5.58
N GLY A 100 1.07 -4.20 5.45
CA GLY A 100 1.85 -4.70 6.59
C GLY A 100 3.22 -4.09 6.56
N VAL A 101 3.67 -3.63 7.71
CA VAL A 101 4.98 -2.96 7.84
C VAL A 101 5.78 -3.66 8.93
N LYS A 102 7.07 -3.84 8.67
CA LYS A 102 8.05 -4.26 9.71
C LYS A 102 8.78 -3.03 10.25
N THR A 103 8.69 -2.79 11.54
CA THR A 103 9.38 -1.67 12.21
C THR A 103 10.73 -2.15 12.77
N ASP A 104 11.83 -1.61 12.26
CA ASP A 104 13.19 -1.92 12.77
C ASP A 104 13.29 -1.33 14.18
N ALA B 2 -14.59 -2.70 -7.36
CA ALA B 2 -13.23 -2.41 -6.80
C ALA B 2 -12.90 -0.92 -6.98
N SER B 3 -12.23 -0.34 -6.00
CA SER B 3 -11.73 1.07 -6.02
C SER B 3 -10.29 1.08 -6.53
N GLY B 4 -9.90 2.12 -7.26
CA GLY B 4 -8.52 2.29 -7.71
C GLY B 4 -7.58 2.56 -6.55
N MET B 5 -6.36 2.08 -6.63
CA MET B 5 -5.35 2.33 -5.57
C MET B 5 -3.98 2.53 -6.20
N ILE B 6 -3.28 3.54 -5.72
CA ILE B 6 -1.90 3.94 -6.09
C ILE B 6 -1.06 3.90 -4.82
N VAL B 7 0.11 3.28 -4.90
CA VAL B 7 1.08 3.29 -3.79
C VAL B 7 2.33 3.97 -4.31
N THR B 8 2.89 4.88 -3.53
CA THR B 8 4.13 5.59 -3.89
C THR B 8 5.20 5.42 -2.81
N ASP B 9 6.44 5.66 -3.20
CA ASP B 9 7.52 5.88 -2.21
C ASP B 9 7.14 7.08 -1.35
N ALA B 10 7.75 7.18 -0.17
CA ALA B 10 7.52 8.27 0.80
C ALA B 10 8.25 9.53 0.34
N GLY B 11 9.47 9.38 -0.16
CA GLY B 11 10.37 10.52 -0.30
C GLY B 11 10.55 10.97 -1.74
N ALA B 12 11.22 12.11 -1.92
N ALA B 12 11.50 11.89 -1.90
CA ALA B 12 11.78 12.54 -3.21
CA ALA B 12 11.88 12.52 -3.18
C ALA B 12 10.69 12.48 -4.30
C ALA B 12 10.58 13.00 -3.82
N ASP B 13 9.57 13.16 -4.07
N ASP B 13 10.17 12.50 -4.98
CA ASP B 13 8.52 13.40 -5.09
CA ASP B 13 8.92 13.04 -5.56
C ASP B 13 7.70 12.14 -5.39
C ASP B 13 7.81 11.97 -5.55
N GLN B 14 7.70 11.17 -4.48
CA GLN B 14 6.65 10.13 -4.39
C GLN B 14 6.42 9.44 -5.74
N PRO B 15 7.45 8.80 -6.33
CA PRO B 15 7.23 7.98 -7.52
C PRO B 15 6.31 6.78 -7.22
N ILE B 16 5.45 6.46 -8.17
CA ILE B 16 4.54 5.29 -8.05
C ILE B 16 5.35 4.00 -8.01
N VAL B 17 5.02 3.11 -7.08
CA VAL B 17 5.65 1.77 -6.98
C VAL B 17 4.64 0.65 -7.23
N PHE B 18 3.34 0.92 -7.16
CA PHE B 18 2.30 -0.11 -7.39
C PHE B 18 0.97 0.58 -7.70
N VAL B 19 0.24 0.02 -8.67
CA VAL B 19 -1.18 0.36 -8.95
C VAL B 19 -1.96 -0.95 -9.02
N ASN B 20 -3.18 -0.94 -8.49
CA ASN B 20 -4.05 -2.14 -8.49
C ASN B 20 -4.73 -2.26 -9.86
N ARG B 21 -5.46 -3.36 -10.05
CA ARG B 21 -6.09 -3.64 -11.37
C ARG B 21 -7.09 -2.53 -11.67
N ALA B 22 -7.86 -2.12 -10.67
CA ALA B 22 -8.92 -1.10 -10.82
C ALA B 22 -8.30 0.19 -11.39
N PHE B 23 -7.10 0.56 -10.94
CA PHE B 23 -6.42 1.78 -11.44
C PHE B 23 -6.37 1.79 -12.98
N SER B 24 -6.03 0.64 -13.58
CA SER B 24 -5.85 0.53 -15.05
C SER B 24 -7.21 0.61 -15.74
N THR B 25 -8.24 -0.02 -15.18
CA THR B 25 -9.63 0.07 -15.71
C THR B 25 -10.05 1.54 -15.72
N ILE B 26 -9.83 2.25 -14.63
CA ILE B 26 -10.31 3.64 -14.42
C ILE B 26 -9.56 4.59 -15.35
N THR B 27 -8.24 4.50 -15.41
CA THR B 27 -7.36 5.55 -16.01
C THR B 27 -6.94 5.19 -17.43
N GLY B 28 -7.04 3.91 -17.80
CA GLY B 28 -6.59 3.39 -19.11
C GLY B 28 -5.08 3.23 -19.19
N TYR B 29 -4.37 3.49 -18.09
CA TYR B 29 -2.89 3.32 -18.03
C TYR B 29 -2.54 1.94 -17.47
N ALA B 30 -1.58 1.26 -18.11
CA ALA B 30 -0.99 -0.01 -17.62
C ALA B 30 0.07 0.32 -16.57
N PRO B 31 0.33 -0.61 -15.62
CA PRO B 31 1.38 -0.42 -14.63
C PRO B 31 2.72 0.06 -15.22
N ASN B 32 3.20 -0.56 -16.31
CA ASN B 32 4.54 -0.21 -16.86
C ASN B 32 4.55 1.24 -17.33
N GLU B 33 3.38 1.82 -17.64
CA GLU B 33 3.27 3.20 -18.17
CA GLU B 33 3.27 3.20 -18.17
C GLU B 33 3.37 4.23 -17.03
N VAL B 34 3.22 3.79 -15.77
CA VAL B 34 3.11 4.74 -14.62
C VAL B 34 4.19 4.50 -13.55
N LEU B 35 4.74 3.29 -13.42
CA LEU B 35 5.74 3.02 -12.36
C LEU B 35 6.91 4.00 -12.49
N GLY B 36 7.36 4.57 -11.38
CA GLY B 36 8.51 5.49 -11.32
C GLY B 36 8.11 6.93 -11.61
N ARG B 37 6.84 7.19 -11.90
CA ARG B 37 6.36 8.56 -12.19
C ARG B 37 5.54 9.08 -11.01
N ASN B 38 5.62 10.39 -10.74
CA ASN B 38 4.67 11.07 -9.85
C ASN B 38 3.28 11.03 -10.48
N ALA B 39 2.23 10.83 -9.70
CA ALA B 39 0.85 10.65 -10.18
C ALA B 39 0.28 11.94 -10.82
N ARG B 40 1.00 13.07 -10.76
CA ARG B 40 0.49 14.37 -11.30
C ARG B 40 0.23 14.27 -12.81
N PHE B 41 0.74 13.27 -13.51
CA PHE B 41 0.49 13.10 -14.96
C PHE B 41 -1.02 12.87 -15.20
N LEU B 42 -1.78 12.52 -14.16
CA LEU B 42 -3.24 12.29 -14.28
C LEU B 42 -3.98 13.62 -14.41
N GLN B 43 -3.31 14.74 -14.12
CA GLN B 43 -3.92 16.09 -14.16
C GLN B 43 -3.90 16.64 -15.60
N GLY B 44 -4.67 17.68 -15.85
CA GLY B 44 -4.78 18.27 -17.20
C GLY B 44 -5.23 19.72 -17.14
N PRO B 45 -5.48 20.32 -18.32
CA PRO B 45 -5.80 21.73 -18.45
C PRO B 45 -6.85 22.29 -17.46
N GLN B 46 -7.93 21.54 -17.20
CA GLN B 46 -9.08 22.02 -16.40
C GLN B 46 -8.93 21.61 -14.93
N THR B 47 -7.83 20.96 -14.56
CA THR B 47 -7.57 20.60 -13.14
C THR B 47 -7.46 21.89 -12.31
N ASP B 48 -8.13 21.93 -11.15
CA ASP B 48 -8.13 23.10 -10.25
C ASP B 48 -6.78 23.22 -9.51
N ALA B 49 -6.04 24.32 -9.73
CA ALA B 49 -4.70 24.53 -9.17
C ALA B 49 -4.78 24.58 -7.64
N ALA B 50 -5.84 25.15 -7.06
CA ALA B 50 -5.95 25.25 -5.58
C ALA B 50 -6.08 23.83 -4.99
N THR B 51 -6.79 22.94 -5.68
CA THR B 51 -6.94 21.53 -5.23
C THR B 51 -5.54 20.87 -5.25
N VAL B 52 -4.82 21.04 -6.35
CA VAL B 52 -3.44 20.52 -6.50
C VAL B 52 -2.55 21.05 -5.37
N ALA B 53 -2.64 22.34 -5.05
CA ALA B 53 -1.82 22.94 -3.99
C ALA B 53 -2.15 22.29 -2.64
N ARG B 54 -3.44 22.02 -2.37
CA ARG B 54 -3.82 21.38 -1.09
C ARG B 54 -3.21 19.98 -1.03
N LEU B 55 -3.23 19.23 -2.12
CA LEU B 55 -2.58 17.88 -2.15
C LEU B 55 -1.08 18.04 -1.88
N ARG B 56 -0.44 19.01 -2.54
CA ARG B 56 1.01 19.23 -2.41
C ARG B 56 1.37 19.46 -0.94
N GLU B 57 0.63 20.35 -0.27
CA GLU B 57 0.93 20.68 1.14
C GLU B 57 0.69 19.47 2.03
N ALA B 58 -0.40 18.73 1.82
CA ALA B 58 -0.75 17.59 2.68
C ALA B 58 0.33 16.51 2.53
N ILE B 59 0.72 16.21 1.31
CA ILE B 59 1.71 15.12 1.07
C ILE B 59 3.06 15.56 1.65
N ALA B 60 3.46 16.81 1.46
CA ALA B 60 4.73 17.34 1.99
C ALA B 60 4.82 17.15 3.51
N ALA B 61 3.68 17.29 4.21
CA ALA B 61 3.57 17.21 5.68
C ALA B 61 3.13 15.82 6.14
N ALA B 62 2.89 14.90 5.20
CA ALA B 62 2.38 13.53 5.49
C ALA B 62 1.06 13.60 6.27
N ARG B 63 0.16 14.45 5.82
CA ARG B 63 -1.20 14.61 6.40
CA ARG B 63 -1.19 14.62 6.40
C ARG B 63 -2.22 13.93 5.49
N PRO B 64 -3.18 13.16 6.02
CA PRO B 64 -4.27 12.63 5.20
CA PRO B 64 -4.28 12.64 5.20
C PRO B 64 -5.13 13.76 4.59
N ILE B 65 -5.60 13.51 3.37
CA ILE B 65 -6.38 14.51 2.60
C ILE B 65 -7.32 13.78 1.64
N GLN B 66 -8.49 14.36 1.43
CA GLN B 66 -9.44 13.90 0.40
C GLN B 66 -9.79 15.12 -0.45
N GLU B 67 -9.80 14.91 -1.76
CA GLU B 67 -10.19 15.97 -2.73
C GLU B 67 -10.96 15.32 -3.87
N ARG B 68 -11.90 16.07 -4.43
CA ARG B 68 -12.53 15.75 -5.73
C ARG B 68 -11.73 16.54 -6.77
N ILE B 69 -10.93 15.85 -7.57
CA ILE B 69 -9.97 16.49 -8.52
C ILE B 69 -10.28 15.98 -9.92
N LEU B 70 -10.22 16.88 -10.90
CA LEU B 70 -10.42 16.51 -12.31
C LEU B 70 -9.14 15.86 -12.82
N ASN B 71 -9.26 14.62 -13.27
CA ASN B 71 -8.12 13.86 -13.83
C ASN B 71 -8.47 13.49 -15.26
N TYR B 72 -7.52 12.90 -15.96
CA TYR B 72 -7.61 12.61 -17.40
C TYR B 72 -7.11 11.19 -17.64
N ARG B 73 -7.95 10.38 -18.29
CA ARG B 73 -7.56 9.01 -18.73
C ARG B 73 -6.42 9.12 -19.73
N LYS B 74 -5.81 7.99 -20.05
CA LYS B 74 -4.73 7.93 -21.06
C LYS B 74 -5.28 8.42 -22.41
N ASP B 75 -6.55 8.14 -22.71
CA ASP B 75 -7.22 8.52 -23.97
C ASP B 75 -7.72 9.97 -23.90
N GLY B 76 -7.48 10.66 -22.78
CA GLY B 76 -7.73 12.11 -22.64
C GLY B 76 -9.10 12.44 -22.04
N GLN B 77 -9.97 11.45 -21.89
CA GLN B 77 -11.32 11.65 -21.29
C GLN B 77 -11.14 12.19 -19.87
N PRO B 78 -11.71 13.37 -19.54
CA PRO B 78 -11.74 13.84 -18.17
C PRO B 78 -12.62 12.91 -17.31
N PHE B 79 -12.24 12.72 -16.05
CA PHE B 79 -13.07 12.00 -15.05
C PHE B 79 -12.84 12.67 -13.69
N TRP B 80 -13.89 12.72 -12.90
CA TRP B 80 -13.83 13.21 -11.51
C TRP B 80 -13.24 12.10 -10.64
N ASN B 81 -12.16 12.44 -9.94
CA ASN B 81 -11.45 11.49 -9.06
C ASN B 81 -11.73 11.92 -7.62
N GLN B 82 -12.56 11.14 -6.91
CA GLN B 82 -12.76 11.28 -5.46
C GLN B 82 -11.55 10.61 -4.79
N LEU B 83 -10.52 11.40 -4.55
CA LEU B 83 -9.15 10.93 -4.22
C LEU B 83 -8.91 11.07 -2.71
N SER B 84 -8.44 10.00 -2.08
CA SER B 84 -8.05 10.04 -0.65
C SER B 84 -6.61 9.54 -0.54
N ILE B 85 -5.75 10.33 0.08
CA ILE B 85 -4.31 10.00 0.23
C ILE B 85 -4.00 9.94 1.71
N SER B 86 -3.21 8.95 2.10
CA SER B 86 -2.77 8.82 3.50
C SER B 86 -1.36 8.25 3.51
N PRO B 87 -0.55 8.63 4.51
CA PRO B 87 0.74 8.01 4.70
C PRO B 87 0.60 6.60 5.31
N VAL B 88 1.56 5.75 4.99
CA VAL B 88 1.80 4.47 5.67
C VAL B 88 2.99 4.70 6.58
N ARG B 89 2.82 4.48 7.88
CA ARG B 89 3.92 4.70 8.85
C ARG B 89 4.33 3.39 9.51
N ASP B 90 5.58 3.31 9.91
CA ASP B 90 6.05 2.24 10.81
C ASP B 90 5.70 2.65 12.25
N GLU B 91 6.01 1.82 13.23
CA GLU B 91 5.53 2.05 14.62
C GLU B 91 6.35 3.16 15.29
N THR B 92 7.48 3.56 14.70
CA THR B 92 8.32 4.71 15.15
C THR B 92 7.73 6.02 14.61
N GLY B 93 6.81 5.91 13.63
CA GLY B 93 6.15 7.07 12.99
C GLY B 93 6.79 7.48 11.68
N ASN B 94 7.85 6.80 11.26
CA ASN B 94 8.53 7.04 9.96
C ASN B 94 7.52 6.76 8.85
N VAL B 95 7.44 7.63 7.86
CA VAL B 95 6.61 7.40 6.64
C VAL B 95 7.34 6.43 5.71
N VAL B 96 6.68 5.31 5.42
CA VAL B 96 7.22 4.19 4.59
C VAL B 96 6.73 4.34 3.15
N ALA B 97 5.54 4.90 2.96
CA ALA B 97 4.86 4.97 1.65
C ALA B 97 3.69 5.93 1.74
N PHE B 98 3.11 6.26 0.61
CA PHE B 98 1.77 6.88 0.55
C PHE B 98 0.84 5.96 -0.22
N VAL B 99 -0.43 5.97 0.17
CA VAL B 99 -1.52 5.23 -0.53
CA VAL B 99 -1.49 5.24 -0.58
C VAL B 99 -2.57 6.24 -0.98
N GLY B 100 -3.00 6.15 -2.22
CA GLY B 100 -4.10 6.97 -2.76
C GLY B 100 -5.20 6.07 -3.26
N VAL B 101 -6.44 6.38 -2.91
CA VAL B 101 -7.61 5.57 -3.31
C VAL B 101 -8.56 6.47 -4.10
N LYS B 102 -9.10 5.96 -5.19
CA LYS B 102 -10.23 6.61 -5.89
C LYS B 102 -11.51 5.91 -5.44
N THR B 103 -12.43 6.66 -4.84
CA THR B 103 -13.75 6.14 -4.43
C THR B 103 -14.79 6.39 -5.53
N ASP B 104 -15.37 5.32 -6.08
CA ASP B 104 -16.42 5.39 -7.14
C ASP B 104 -17.79 5.39 -6.46
N1 FMN C . 2.31 -12.74 8.69
C2 FMN C . 3.62 -12.88 9.03
O2 FMN C . 3.97 -13.85 9.74
N3 FMN C . 4.57 -12.01 8.61
C4 FMN C . 4.29 -10.93 7.86
O4 FMN C . 5.18 -10.14 7.52
C4A FMN C . 2.90 -10.71 7.44
N5 FMN C . 2.56 -9.64 6.68
C5A FMN C . 1.25 -9.50 6.34
C6 FMN C . 0.85 -8.43 5.61
C7 FMN C . -0.47 -8.21 5.25
C7M FMN C . -0.88 -6.99 4.47
C8 FMN C . -1.47 -9.17 5.69
C8M FMN C . -2.91 -8.99 5.34
C9 FMN C . -1.09 -10.27 6.43
C9A FMN C . 0.23 -10.45 6.82
N10 FMN C . 0.63 -11.54 7.59
C10 FMN C . 1.95 -11.69 7.93
C1' FMN C . -0.36 -12.44 8.17
C2' FMN C . -0.71 -13.70 7.45
O2' FMN C . -0.90 -13.37 6.08
C3' FMN C . -2.01 -14.29 8.04
O3' FMN C . -3.04 -13.30 8.05
C4' FMN C . -1.81 -14.80 9.47
O4' FMN C . -0.87 -15.87 9.46
C5' FMN C . -3.09 -15.25 10.15
O5' FMN C . -3.88 -16.10 9.31
P FMN C . -3.76 -17.68 9.24
O1P FMN C . -4.04 -18.20 10.64
O2P FMN C . -4.80 -18.07 8.22
O3P FMN C . -2.37 -17.99 8.75
N4 6LR D . 7.95 -6.87 5.00
C3 6LR D . 8.92 -7.69 5.73
C2 6LR D . 8.18 -8.56 6.73
C5 6LR D . 7.01 -6.12 5.85
C6 6LR D . 6.34 -7.09 6.82
O1 6LR D . 7.33 -7.76 7.57
C1 GOL E . -8.79 -5.58 -5.23
O1 GOL E . -8.70 -4.16 -5.18
C2 GOL E . -9.34 -6.16 -3.94
O2 GOL E . -8.38 -6.00 -2.90
C3 GOL E . -9.74 -7.62 -4.10
O3 GOL E . -9.97 -8.27 -2.84
N1 FMN F . -2.88 13.33 -8.07
C2 FMN F . -3.90 13.21 -8.94
O2 FMN F . -4.23 14.18 -9.65
N3 FMN F . -4.57 12.04 -9.11
C4 FMN F . -4.26 10.93 -8.40
O4 FMN F . -4.89 9.88 -8.55
C4A FMN F . -3.17 11.00 -7.44
N5 FMN F . -2.83 9.95 -6.67
C5A FMN F . -1.82 10.09 -5.77
C6 FMN F . -1.46 9.01 -4.97
C7 FMN F . -0.42 9.12 -4.07
C7M FMN F . -0.07 7.95 -3.18
C8 FMN F . 0.29 10.37 -3.92
C8M FMN F . 1.40 10.49 -2.92
C9 FMN F . -0.07 11.45 -4.72
C9A FMN F . -1.09 11.35 -5.63
N10 FMN F . -1.47 12.44 -6.42
C10 FMN F . -2.51 12.29 -7.32
C1' FMN F . -0.92 13.78 -6.25
C2' FMN F . 0.25 14.20 -7.07
O2' FMN F . 1.18 13.12 -7.06
C3' FMN F . 0.94 15.43 -6.46
O3' FMN F . 1.26 15.21 -5.08
C4' FMN F . 0.03 16.67 -6.54
O4' FMN F . -0.17 16.99 -7.92
C5' FMN F . 0.57 17.87 -5.79
O5' FMN F . 1.95 18.10 -6.07
P FMN F . 2.51 19.03 -7.26
O1P FMN F . 1.91 20.41 -7.07
O2P FMN F . 4.00 18.96 -7.08
O3P FMN F . 2.01 18.40 -8.53
N4 6LR G . -6.18 5.07 -8.87
C3 6LR G . -6.55 5.44 -7.50
C2 6LR G . -6.42 6.95 -7.34
C5 6LR G . -6.97 5.78 -9.88
C6 6LR G . -6.81 7.28 -9.65
O1 6LR G . -7.23 7.59 -8.32
C1 GOL H . 11.03 3.16 0.35
O1 GOL H . 10.51 2.24 1.32
C2 GOL H . 10.75 4.60 0.72
O2 GOL H . 9.37 4.89 0.52
C3 GOL H . 11.58 5.59 -0.07
O3 GOL H . 11.16 6.95 0.10
#